data_7AWH
#
_entry.id   7AWH
#
_cell.length_a   154.470
_cell.length_b   154.470
_cell.length_c   127.420
_cell.angle_alpha   90.000
_cell.angle_beta   90.000
_cell.angle_gamma   90.000
#
_symmetry.space_group_name_H-M   'I 4 2 2'
#
loop_
_entity.id
_entity.type
_entity.pdbx_description
1 polymer Cholinesterase
2 branched alpha-L-fucopyranose-(1-6)-2-acetamido-2-deoxy-beta-D-glucopyranose
3 branched 2-acetamido-2-deoxy-beta-D-glucopyranose-(1-4)-[alpha-L-fucopyranose-(1-6)]2-acetamido-2-deoxy-beta-D-glucopyranose
4 non-polymer 2-acetamido-2-deoxy-beta-D-glucopyranose
5 non-polymer '2-(N-MORPHOLINO)-ETHANESULFONIC ACID'
6 non-polymer 'SULFATE ION'
7 non-polymer GLYCEROL
8 non-polymer '~{tert}-butyl (3~{S})-3-[[2-[1-(phenylsulfonyl)indol-4-yl]oxyethylamino]methyl]piperidine-1-carboxylate'
9 non-polymer 'SODIUM ION'
10 water water
#
_entity_poly.entity_id   1
_entity_poly.type   'polypeptide(L)'
_entity_poly.pdbx_seq_one_letter_code
;EDDIIIATKNGKVRGMQLTVFGGTVTAFLGIPYAQPPLGRLRFKKPQSLTKWSDIWNATKYANSCCQNIDQSFPGFHGSE
MWNPNTDLSEDCLYLNVWIPAPKPKNATVLIWIYGGGFQTGTSSLHVYDGKFLARVERVIVVSMNYRVGALGFLALPGNP
EAPGNMGLFDQQLALQWVQKNIAAFGGNPKSVTLFGESAGAASVSLHLLSPGSHSLFTRAILQSGSFNAPWAVTSLYEAR
NRTLNLAKLTGCSRENETEIIKCLRNKDPQEILLNEAFVVPYGTPLSVNFGPTVDGDFLTDMPDILLELGQFKKTQILVG
VNKDEGTAFLVYGAPGFSKDNNSIITRKEFQEGLKIFFPGVSEFGKESILFHYTDWVDDQRPENYREALGDVVGDYNFIC
PALEFTKKFSEWGNNAFFYYFEHRSSKLPWPEWMGVMHGYEIEFVFGLPLERRDQYTKAEEILSRSIVKRWANFAKYGNP
QETQNQSTSWPVFKSTEQKYLTLNTESTRIMTKLRAQQCRFWTSFFPKV
;
_entity_poly.pdbx_strand_id   A
#
loop_
_chem_comp.id
_chem_comp.type
_chem_comp.name
_chem_comp.formula
FUC L-saccharide, alpha linking alpha-L-fucopyranose 'C6 H12 O5'
GOL non-polymer GLYCEROL 'C3 H8 O3'
MES non-polymer '2-(N-MORPHOLINO)-ETHANESULFONIC ACID' 'C6 H13 N O4 S'
NA non-polymer 'SODIUM ION' 'Na 1'
NAG D-saccharide, beta linking 2-acetamido-2-deoxy-beta-D-glucopyranose 'C8 H15 N O6'
S8K non-polymer '~{tert}-butyl (3~{S})-3-[[2-[1-(phenylsulfonyl)indol-4-yl]oxyethylamino]methyl]piperidine-1-carboxylate' 'C27 H35 N3 O5 S'
SO4 non-polymer 'SULFATE ION' 'O4 S -2'
#
# COMPACT_ATOMS: atom_id res chain seq x y z
N ILE A 4 -12.61 13.13 26.67
CA ILE A 4 -13.36 13.40 25.46
C ILE A 4 -12.61 14.43 24.59
N ILE A 5 -11.78 15.31 25.18
CA ILE A 5 -11.19 16.42 24.46
C ILE A 5 -9.68 16.46 24.69
N ILE A 6 -8.92 16.52 23.61
CA ILE A 6 -7.46 16.57 23.66
C ILE A 6 -6.99 17.89 23.06
N ALA A 7 -6.07 18.56 23.74
CA ALA A 7 -5.49 19.79 23.22
C ALA A 7 -4.25 19.47 22.41
N THR A 8 -4.27 19.80 21.13
CA THR A 8 -3.13 19.62 20.25
C THR A 8 -2.39 20.94 20.06
N LYS A 9 -1.25 20.86 19.36
CA LYS A 9 -0.46 22.06 19.08
C LYS A 9 -1.27 23.10 18.30
N ASN A 10 -2.24 22.67 17.49
CA ASN A 10 -3.01 23.58 16.64
C ASN A 10 -4.40 23.90 17.18
N GLY A 11 -4.80 23.28 18.26
CA GLY A 11 -6.12 23.53 18.80
C GLY A 11 -6.65 22.28 19.48
N LYS A 12 -7.85 22.41 20.03
CA LYS A 12 -8.50 21.31 20.71
C LYS A 12 -9.28 20.47 19.71
N VAL A 13 -9.31 19.17 19.95
CA VAL A 13 -10.12 18.26 19.15
C VAL A 13 -10.98 17.43 20.09
N ARG A 14 -12.21 17.14 19.66
CA ARG A 14 -13.12 16.28 20.42
C ARG A 14 -13.28 14.94 19.71
N GLY A 15 -13.18 13.86 20.48
CA GLY A 15 -13.36 12.53 19.98
C GLY A 15 -14.74 11.97 20.25
N MET A 16 -14.86 10.66 20.13
CA MET A 16 -16.10 9.96 20.39
C MET A 16 -15.78 8.58 20.95
N GLN A 17 -16.61 8.12 21.90
CA GLN A 17 -16.40 6.82 22.51
C GLN A 17 -17.00 5.72 21.65
N LEU A 18 -16.29 4.61 21.56
CA LEU A 18 -16.77 3.43 20.83
C LEU A 18 -16.72 2.24 21.76
N THR A 19 -17.76 1.41 21.70
CA THR A 19 -17.78 0.16 22.44
C THR A 19 -17.18 -0.93 21.57
N VAL A 20 -16.10 -1.56 22.04
CA VAL A 20 -15.42 -2.64 21.33
C VAL A 20 -15.15 -3.76 22.31
N PHE A 21 -15.75 -4.93 22.06
CA PHE A 21 -15.48 -6.13 22.83
C PHE A 21 -15.61 -5.87 24.33
N GLY A 22 -16.76 -5.31 24.72
CA GLY A 22 -16.96 -5.02 26.12
C GLY A 22 -15.99 -4.01 26.71
N GLY A 23 -15.30 -3.26 25.85
CA GLY A 23 -14.33 -2.28 26.31
C GLY A 23 -14.63 -0.93 25.67
N THR A 24 -13.69 -0.01 25.71
CA THR A 24 -13.92 1.29 25.10
C THR A 24 -12.67 1.72 24.34
N VAL A 25 -12.90 2.27 23.16
CA VAL A 25 -11.85 2.88 22.35
C VAL A 25 -12.28 4.31 22.07
N THR A 26 -11.34 5.24 22.10
CA THR A 26 -11.61 6.62 21.74
C THR A 26 -11.10 6.89 20.34
N ALA A 27 -12.02 7.23 19.44
CA ALA A 27 -11.70 7.55 18.05
C ALA A 27 -11.72 9.05 17.84
N PHE A 28 -10.67 9.57 17.20
CA PHE A 28 -10.65 10.92 16.66
C PHE A 28 -10.59 10.75 15.15
N LEU A 29 -11.74 10.93 14.50
CA LEU A 29 -11.90 10.73 13.07
C LEU A 29 -11.91 12.09 12.39
N GLY A 30 -10.97 12.31 11.47
CA GLY A 30 -10.96 13.53 10.68
C GLY A 30 -10.30 14.74 11.30
N ILE A 31 -9.05 14.60 11.75
CA ILE A 31 -8.26 15.71 12.26
C ILE A 31 -7.46 16.27 11.08
N PRO A 32 -7.56 17.58 10.77
CA PRO A 32 -6.74 18.13 9.69
C PRO A 32 -5.29 18.16 10.09
N TYR A 33 -4.40 17.87 9.13
CA TYR A 33 -2.98 17.94 9.37
C TYR A 33 -2.23 18.84 8.40
N ALA A 34 -2.94 19.54 7.51
CA ALA A 34 -2.34 20.46 6.56
C ALA A 34 -3.40 21.45 6.09
N GLN A 35 -2.95 22.57 5.57
CA GLN A 35 -3.86 23.46 4.86
C GLN A 35 -4.45 22.71 3.67
N PRO A 36 -5.76 22.79 3.44
CA PRO A 36 -6.36 22.14 2.28
C PRO A 36 -5.62 22.52 1.01
N PRO A 37 -5.19 21.55 0.22
CA PRO A 37 -4.34 21.87 -0.95
C PRO A 37 -5.18 22.35 -2.13
N LEU A 38 -5.82 23.50 -1.93
CA LEU A 38 -6.86 24.04 -2.80
C LEU A 38 -6.35 25.26 -3.55
N GLY A 39 -6.94 25.51 -4.73
CA GLY A 39 -6.61 26.68 -5.52
C GLY A 39 -5.16 26.74 -5.95
N ARG A 40 -4.46 27.81 -5.55
CA ARG A 40 -3.04 27.93 -5.85
C ARG A 40 -2.18 26.90 -5.10
N LEU A 41 -2.71 26.23 -4.08
CA LEU A 41 -2.00 25.14 -3.42
C LEU A 41 -2.12 23.80 -4.15
N ARG A 42 -3.04 23.67 -5.10
CA ARG A 42 -3.12 22.44 -5.89
C ARG A 42 -1.77 22.16 -6.55
N PHE A 43 -1.30 20.92 -6.44
CA PHE A 43 -0.05 20.35 -6.97
C PHE A 43 1.17 20.73 -6.12
N LYS A 44 1.03 21.62 -5.14
CA LYS A 44 2.17 22.00 -4.32
C LYS A 44 2.33 21.03 -3.14
N LYS A 45 3.53 21.03 -2.57
CA LYS A 45 3.78 20.30 -1.33
C LYS A 45 2.80 20.80 -0.27
N PRO A 46 2.46 19.95 0.72
CA PRO A 46 1.42 20.32 1.69
C PRO A 46 1.94 21.35 2.68
N GLN A 47 1.10 22.32 3.00
CA GLN A 47 1.49 23.45 3.83
C GLN A 47 1.02 23.27 5.27
N SER A 48 1.83 23.80 6.20
CA SER A 48 1.54 23.71 7.63
C SER A 48 0.21 24.40 7.97
N LEU A 49 -0.48 23.85 8.96
CA LEU A 49 -1.83 24.32 9.31
C LEU A 49 -1.75 25.41 10.38
N THR A 50 -2.49 26.50 10.15
CA THR A 50 -2.62 27.54 11.16
C THR A 50 -3.56 27.07 12.27
N LYS A 51 -3.33 27.60 13.47
CA LYS A 51 -4.13 27.20 14.62
C LYS A 51 -5.61 27.51 14.39
N TRP A 52 -6.46 26.73 15.03
CA TRP A 52 -7.85 27.09 15.24
C TRP A 52 -8.07 27.37 16.73
N SER A 53 -9.14 28.11 17.01
CA SER A 53 -9.46 28.53 18.36
C SER A 53 -10.58 27.73 18.99
N ASP A 54 -11.45 27.15 18.17
CA ASP A 54 -12.59 26.38 18.63
C ASP A 54 -12.14 24.98 19.03
N ILE A 55 -13.09 24.10 19.30
CA ILE A 55 -12.85 22.67 19.45
C ILE A 55 -13.21 22.01 18.13
N TRP A 56 -12.19 21.47 17.44
CA TRP A 56 -12.46 20.73 16.22
C TRP A 56 -13.16 19.42 16.57
N ASN A 57 -14.27 19.14 15.88
CA ASN A 57 -15.04 17.94 16.13
C ASN A 57 -14.54 16.85 15.20
N ALA A 58 -13.87 15.85 15.77
CA ALA A 58 -13.31 14.74 15.00
C ALA A 58 -14.13 13.49 15.25
N THR A 59 -15.37 13.51 14.76
CA THR A 59 -16.33 12.46 15.07
C THR A 59 -16.84 11.73 13.84
N LYS A 60 -16.35 12.07 12.66
CA LYS A 60 -16.64 11.27 11.48
C LYS A 60 -15.46 11.38 10.54
N TYR A 61 -15.28 10.36 9.71
CA TYR A 61 -14.22 10.40 8.71
C TYR A 61 -14.39 11.64 7.82
N ALA A 62 -13.28 12.21 7.41
CA ALA A 62 -13.32 13.37 6.52
C ALA A 62 -13.51 12.90 5.06
N ASN A 63 -13.46 13.87 4.14
CA ASN A 63 -13.47 13.57 2.71
C ASN A 63 -12.30 12.69 2.30
N SER A 64 -12.57 11.78 1.36
CA SER A 64 -11.51 11.10 0.65
C SER A 64 -10.93 12.02 -0.42
N CYS A 65 -9.67 11.81 -0.79
CA CYS A 65 -9.08 12.61 -1.86
C CYS A 65 -9.65 12.22 -3.22
N CYS A 66 -9.69 13.21 -4.13
CA CYS A 66 -10.21 13.00 -5.47
C CYS A 66 -9.54 11.81 -6.14
N GLN A 67 -10.33 11.00 -6.83
CA GLN A 67 -9.80 9.80 -7.44
C GLN A 67 -10.87 9.18 -8.34
N ASN A 68 -10.40 8.51 -9.39
CA ASN A 68 -11.25 7.69 -10.22
C ASN A 68 -11.64 6.42 -9.46
N ILE A 69 -12.85 5.96 -9.74
CA ILE A 69 -13.47 4.84 -9.04
C ILE A 69 -13.44 3.61 -9.91
N ASP A 70 -13.12 2.46 -9.30
CA ASP A 70 -13.30 1.16 -9.92
C ASP A 70 -14.79 0.92 -10.24
N GLN A 71 -15.08 0.70 -11.52
CA GLN A 71 -16.44 0.54 -12.02
C GLN A 71 -16.71 -0.76 -12.74
N SER A 72 -15.76 -1.69 -12.73
CA SER A 72 -15.89 -2.92 -13.49
C SER A 72 -16.96 -3.85 -12.91
N PHE A 73 -17.20 -3.80 -11.61
CA PHE A 73 -18.17 -4.71 -10.98
C PHE A 73 -19.15 -3.94 -10.10
N PRO A 74 -20.00 -3.09 -10.70
CA PRO A 74 -20.99 -2.36 -9.91
C PRO A 74 -21.83 -3.32 -9.08
N GLY A 75 -22.04 -2.97 -7.81
CA GLY A 75 -22.83 -3.77 -6.89
C GLY A 75 -22.13 -4.98 -6.31
N PHE A 76 -20.92 -5.29 -6.75
CA PHE A 76 -20.15 -6.41 -6.24
C PHE A 76 -19.30 -5.95 -5.06
N HIS A 77 -19.47 -6.62 -3.92
CA HIS A 77 -18.76 -6.19 -2.71
C HIS A 77 -17.25 -6.40 -2.84
N GLY A 78 -16.83 -7.36 -3.66
CA GLY A 78 -15.41 -7.67 -3.78
C GLY A 78 -14.64 -6.51 -4.36
N SER A 79 -15.24 -5.77 -5.28
CA SER A 79 -14.60 -4.58 -5.80
C SER A 79 -15.03 -3.35 -5.02
N GLU A 80 -16.30 -3.25 -4.65
CA GLU A 80 -16.77 -2.00 -4.09
C GLU A 80 -16.27 -1.74 -2.66
N MET A 81 -15.85 -2.78 -1.92
CA MET A 81 -15.29 -2.55 -0.58
C MET A 81 -14.05 -1.67 -0.61
N TRP A 82 -13.40 -1.52 -1.77
CA TRP A 82 -12.20 -0.69 -1.92
C TRP A 82 -12.49 0.72 -2.41
N ASN A 83 -13.71 1.00 -2.86
CA ASN A 83 -14.01 2.34 -3.34
C ASN A 83 -14.16 3.30 -2.17
N PRO A 84 -13.88 4.58 -2.38
CA PRO A 84 -14.01 5.54 -1.27
C PRO A 84 -15.41 5.48 -0.71
N ASN A 85 -15.51 5.59 0.61
CA ASN A 85 -16.78 5.63 1.30
C ASN A 85 -16.99 6.96 2.03
N THR A 86 -16.31 8.02 1.61
CA THR A 86 -16.66 9.38 1.99
C THR A 86 -16.56 10.22 0.74
N ASP A 87 -17.18 11.40 0.78
CA ASP A 87 -17.16 12.33 -0.34
C ASP A 87 -15.74 12.51 -0.86
N LEU A 88 -15.60 12.49 -2.17
CA LEU A 88 -14.36 12.95 -2.78
C LEU A 88 -14.31 14.48 -2.70
N SER A 89 -13.12 15.00 -2.45
CA SER A 89 -12.90 16.43 -2.41
C SER A 89 -11.40 16.62 -2.50
N GLU A 90 -10.97 17.76 -3.00
CA GLU A 90 -9.55 18.11 -2.86
C GLU A 90 -9.20 18.43 -1.42
N ASP A 91 -10.20 18.80 -0.64
CA ASP A 91 -10.01 19.10 0.77
C ASP A 91 -10.07 17.76 1.48
N CYS A 92 -8.92 17.09 1.56
CA CYS A 92 -8.91 15.70 2.03
C CYS A 92 -7.72 15.38 2.94
N LEU A 93 -6.93 16.35 3.37
CA LEU A 93 -5.71 16.06 4.14
C LEU A 93 -6.07 15.97 5.62
N TYR A 94 -6.63 14.82 6.00
CA TYR A 94 -7.05 14.57 7.36
C TYR A 94 -6.47 13.24 7.82
N LEU A 95 -6.47 13.02 9.14
CA LEU A 95 -6.00 11.78 9.71
C LEU A 95 -6.93 11.35 10.85
N ASN A 96 -6.76 10.09 11.27
CA ASN A 96 -7.58 9.47 12.30
C ASN A 96 -6.68 8.92 13.40
N VAL A 97 -7.20 8.94 14.63
CA VAL A 97 -6.49 8.41 15.79
C VAL A 97 -7.47 7.53 16.58
N TRP A 98 -7.06 6.31 16.88
CA TRP A 98 -7.78 5.41 17.80
C TRP A 98 -6.86 5.19 18.98
N ILE A 99 -7.29 5.64 20.15
CA ILE A 99 -6.49 5.42 21.35
C ILE A 99 -7.25 4.50 22.29
N PRO A 100 -6.54 3.66 23.05
CA PRO A 100 -7.21 2.80 24.01
C PRO A 100 -7.87 3.66 25.08
N ALA A 101 -8.94 3.14 25.65
CA ALA A 101 -9.55 3.72 26.84
C ALA A 101 -9.45 2.68 27.95
N PRO A 102 -8.86 3.03 29.10
CA PRO A 102 -8.37 4.37 29.49
C PRO A 102 -7.14 4.82 28.71
N LYS A 103 -7.04 6.14 28.47
CA LYS A 103 -5.91 6.82 27.85
C LYS A 103 -4.63 6.11 28.26
N PRO A 104 -3.79 5.70 27.32
CA PRO A 104 -2.57 4.98 27.70
C PRO A 104 -1.51 5.96 28.21
N LYS A 105 -0.48 5.39 28.81
CA LYS A 105 0.59 6.22 29.34
C LYS A 105 1.62 6.54 28.27
N ASN A 106 2.20 5.52 27.64
CA ASN A 106 3.28 5.69 26.69
C ASN A 106 3.14 4.62 25.60
N ALA A 107 2.01 4.62 24.91
CA ALA A 107 1.66 3.51 24.01
C ALA A 107 2.37 3.61 22.67
N THR A 108 2.78 2.44 22.17
CA THR A 108 3.35 2.35 20.83
C THR A 108 2.31 2.80 19.81
N VAL A 109 2.77 3.47 18.74
CA VAL A 109 1.89 4.00 17.71
C VAL A 109 2.07 3.24 16.39
N LEU A 110 0.96 2.83 15.80
N LEU A 110 0.95 2.80 15.83
CA LEU A 110 0.96 2.16 14.50
CA LEU A 110 0.91 2.18 14.51
C LEU A 110 0.30 3.07 13.47
C LEU A 110 0.32 3.18 13.52
N ILE A 111 1.05 3.43 12.44
CA ILE A 111 0.60 4.38 11.41
C ILE A 111 0.37 3.64 10.10
N TRP A 112 -0.89 3.60 9.67
CA TRP A 112 -1.31 2.88 8.46
C TRP A 112 -1.25 3.77 7.23
N ILE A 113 -0.68 3.25 6.14
CA ILE A 113 -0.62 3.93 4.86
C ILE A 113 -1.30 3.01 3.84
N TYR A 114 -2.46 3.42 3.33
CA TYR A 114 -3.23 2.59 2.40
C TYR A 114 -2.57 2.54 1.01
N GLY A 115 -2.91 1.49 0.25
CA GLY A 115 -2.49 1.36 -1.10
C GLY A 115 -3.62 1.60 -2.07
N GLY A 116 -3.42 1.16 -3.31
CA GLY A 116 -4.33 1.45 -4.38
C GLY A 116 -3.62 2.05 -5.59
N GLY A 117 -2.41 1.58 -5.87
CA GLY A 117 -1.72 2.01 -7.08
C GLY A 117 -1.19 3.43 -7.10
N PHE A 118 -1.24 4.15 -5.96
CA PHE A 118 -1.03 5.60 -5.87
C PHE A 118 -2.07 6.39 -6.67
N GLN A 119 -3.10 5.73 -7.23
CA GLN A 119 -4.17 6.44 -7.91
C GLN A 119 -5.47 6.47 -7.11
N THR A 120 -5.62 5.60 -6.11
CA THR A 120 -6.88 5.41 -5.40
C THR A 120 -6.60 5.11 -3.92
N GLY A 121 -7.68 5.07 -3.15
CA GLY A 121 -7.67 4.54 -1.79
C GLY A 121 -8.07 5.57 -0.75
N THR A 122 -8.42 5.11 0.43
CA THR A 122 -8.80 6.08 1.45
C THR A 122 -8.65 5.40 2.80
N SER A 123 -8.31 6.20 3.81
CA SER A 123 -8.12 5.66 5.16
C SER A 123 -9.42 5.29 5.85
N SER A 124 -10.57 5.71 5.31
CA SER A 124 -11.83 5.44 5.99
C SER A 124 -12.43 4.07 5.68
N LEU A 125 -11.79 3.23 4.87
CA LEU A 125 -12.36 1.92 4.55
C LEU A 125 -12.56 1.08 5.80
N HIS A 126 -13.59 0.24 5.75
CA HIS A 126 -13.94 -0.62 6.88
C HIS A 126 -12.77 -1.52 7.29
N VAL A 127 -12.02 -2.04 6.31
CA VAL A 127 -10.94 -2.97 6.63
C VAL A 127 -9.72 -2.28 7.20
N TYR A 128 -9.70 -0.93 7.25
CA TYR A 128 -8.62 -0.17 7.89
C TYR A 128 -9.04 0.41 9.24
N ASP A 129 -10.11 -0.11 9.83
CA ASP A 129 -10.66 0.41 11.08
C ASP A 129 -9.75 0.01 12.23
N GLY A 130 -9.02 0.98 12.80
CA GLY A 130 -8.05 0.64 13.82
C GLY A 130 -8.56 0.46 15.24
N LYS A 131 -9.88 0.38 15.43
CA LYS A 131 -10.42 0.29 16.79
C LYS A 131 -10.15 -1.07 17.42
N PHE A 132 -10.03 -2.13 16.62
CA PHE A 132 -9.73 -3.42 17.20
C PHE A 132 -8.31 -3.47 17.71
N LEU A 133 -7.33 -2.95 16.93
CA LEU A 133 -5.95 -2.92 17.40
C LEU A 133 -5.82 -2.11 18.69
N ALA A 134 -6.49 -0.97 18.77
CA ALA A 134 -6.42 -0.17 19.98
C ALA A 134 -7.00 -0.94 21.17
N ARG A 135 -8.17 -1.56 20.97
CA ARG A 135 -8.84 -2.31 22.03
C ARG A 135 -7.99 -3.49 22.49
N VAL A 136 -7.53 -4.31 21.55
CA VAL A 136 -6.98 -5.62 21.86
C VAL A 136 -5.52 -5.50 22.30
N GLU A 137 -4.75 -4.60 21.70
CA GLU A 137 -3.32 -4.55 21.99
C GLU A 137 -2.89 -3.27 22.67
N ARG A 138 -3.81 -2.34 22.92
CA ARG A 138 -3.51 -1.08 23.60
C ARG A 138 -2.40 -0.30 22.87
N VAL A 139 -2.31 -0.47 21.56
CA VAL A 139 -1.53 0.44 20.73
C VAL A 139 -2.44 1.55 20.23
N ILE A 140 -1.83 2.63 19.78
CA ILE A 140 -2.54 3.73 19.14
C ILE A 140 -2.41 3.56 17.64
N VAL A 141 -3.54 3.58 16.94
CA VAL A 141 -3.53 3.45 15.48
C VAL A 141 -3.82 4.81 14.88
N VAL A 142 -2.96 5.23 13.97
CA VAL A 142 -3.14 6.45 13.20
C VAL A 142 -3.18 6.05 11.74
N SER A 143 -4.03 6.72 10.96
CA SER A 143 -4.08 6.56 9.51
C SER A 143 -4.40 7.92 8.91
N MET A 144 -3.89 8.16 7.69
CA MET A 144 -4.07 9.45 7.03
C MET A 144 -4.50 9.28 5.59
N ASN A 145 -5.24 10.28 5.10
CA ASN A 145 -5.49 10.43 3.69
C ASN A 145 -4.35 11.21 3.06
N TYR A 146 -4.00 10.83 1.84
CA TYR A 146 -2.92 11.51 1.14
C TYR A 146 -3.31 11.57 -0.32
N ARG A 147 -2.86 12.60 -1.01
CA ARG A 147 -3.28 12.84 -2.38
C ARG A 147 -2.79 11.75 -3.32
N VAL A 148 -3.62 11.40 -4.31
CA VAL A 148 -3.33 10.32 -5.23
C VAL A 148 -3.54 10.83 -6.67
N GLY A 149 -3.14 10.01 -7.63
CA GLY A 149 -3.27 10.41 -9.01
C GLY A 149 -2.43 11.65 -9.31
N ALA A 150 -2.81 12.31 -10.41
CA ALA A 150 -2.10 13.52 -10.82
C ALA A 150 -2.10 14.55 -9.70
N LEU A 151 -3.21 14.66 -8.96
CA LEU A 151 -3.26 15.69 -7.92
C LEU A 151 -2.24 15.45 -6.82
N GLY A 152 -1.82 14.20 -6.63
CA GLY A 152 -0.78 13.88 -5.66
C GLY A 152 0.60 13.56 -6.21
N PHE A 153 0.73 13.36 -7.53
CA PHE A 153 2.04 12.91 -8.01
C PHE A 153 2.42 13.46 -9.37
N LEU A 154 1.67 14.39 -9.96
CA LEU A 154 2.10 14.99 -11.20
C LEU A 154 3.46 15.68 -11.00
N ALA A 155 4.34 15.57 -12.00
CA ALA A 155 5.73 15.98 -11.81
C ALA A 155 6.22 16.83 -12.97
N LEU A 156 6.73 18.01 -12.65
CA LEU A 156 7.66 18.77 -13.47
C LEU A 156 8.90 18.91 -12.60
N PRO A 157 9.85 17.97 -12.68
CA PRO A 157 10.91 17.92 -11.66
C PRO A 157 11.67 19.23 -11.58
N GLY A 158 12.03 19.61 -10.35
CA GLY A 158 12.64 20.89 -10.07
C GLY A 158 11.66 22.03 -9.85
N ASN A 159 10.48 21.98 -10.47
CA ASN A 159 9.51 23.07 -10.43
C ASN A 159 8.63 22.95 -9.18
N PRO A 160 8.77 23.84 -8.18
CA PRO A 160 7.97 23.68 -6.94
C PRO A 160 6.46 23.91 -7.14
N GLU A 161 6.01 24.40 -8.30
CA GLU A 161 4.58 24.45 -8.59
C GLU A 161 3.99 23.06 -8.78
N ALA A 162 4.83 22.09 -9.11
CA ALA A 162 4.44 20.70 -9.31
C ALA A 162 5.69 19.83 -9.24
N PRO A 163 6.30 19.67 -8.04
CA PRO A 163 7.60 19.01 -7.96
C PRO A 163 7.54 17.49 -8.00
N GLY A 164 6.37 16.90 -7.77
CA GLY A 164 6.25 15.48 -7.65
C GLY A 164 6.17 15.06 -6.19
N ASN A 165 5.69 13.82 -5.98
CA ASN A 165 5.72 13.18 -4.67
C ASN A 165 4.91 13.94 -3.62
N MET A 166 4.00 14.84 -4.04
CA MET A 166 3.16 15.56 -3.08
C MET A 166 2.50 14.60 -2.09
N GLY A 167 1.84 13.55 -2.60
CA GLY A 167 1.16 12.63 -1.71
C GLY A 167 2.08 11.95 -0.73
N LEU A 168 3.33 11.69 -1.14
CA LEU A 168 4.34 11.20 -0.19
C LEU A 168 4.66 12.27 0.85
N PHE A 169 4.73 13.55 0.46
CA PHE A 169 4.93 14.59 1.47
C PHE A 169 3.68 14.78 2.33
N ASP A 170 2.49 14.49 1.79
CA ASP A 170 1.30 14.41 2.64
C ASP A 170 1.51 13.38 3.75
N GLN A 171 1.90 12.16 3.37
CA GLN A 171 2.20 11.15 4.37
C GLN A 171 3.23 11.67 5.36
N GLN A 172 4.31 12.28 4.86
CA GLN A 172 5.38 12.76 5.73
C GLN A 172 4.88 13.79 6.73
N LEU A 173 4.01 14.71 6.27
CA LEU A 173 3.48 15.73 7.17
C LEU A 173 2.61 15.10 8.26
N ALA A 174 1.93 14.00 7.96
CA ALA A 174 1.15 13.31 8.98
C ALA A 174 2.05 12.61 10.00
N LEU A 175 3.14 11.98 9.55
CA LEU A 175 4.08 11.40 10.53
C LEU A 175 4.64 12.49 11.43
N GLN A 176 4.90 13.64 10.82
CA GLN A 176 5.34 14.84 11.54
C GLN A 176 4.31 15.25 12.60
N TRP A 177 3.02 15.21 12.23
CA TRP A 177 1.95 15.54 13.18
C TRP A 177 1.98 14.58 14.37
N VAL A 178 2.17 13.29 14.11
CA VAL A 178 2.20 12.32 15.20
C VAL A 178 3.35 12.64 16.15
N GLN A 179 4.50 13.04 15.60
CA GLN A 179 5.62 13.43 16.46
C GLN A 179 5.26 14.62 17.35
N LYS A 180 4.73 15.70 16.76
CA LYS A 180 4.45 16.89 17.59
C LYS A 180 3.29 16.63 18.56
N ASN A 181 2.35 15.74 18.23
CA ASN A 181 1.07 15.71 18.92
C ASN A 181 0.71 14.43 19.62
N ILE A 182 1.30 13.28 19.26
CA ILE A 182 0.68 12.04 19.74
C ILE A 182 0.88 11.84 21.24
N ALA A 183 1.88 12.48 21.86
CA ALA A 183 2.05 12.35 23.30
C ALA A 183 0.81 12.85 24.05
N ALA A 184 0.16 13.89 23.53
CA ALA A 184 -1.05 14.40 24.19
C ALA A 184 -2.17 13.37 24.21
N PHE A 185 -2.15 12.42 23.28
CA PHE A 185 -3.14 11.34 23.23
C PHE A 185 -2.72 10.12 24.03
N GLY A 186 -1.57 10.16 24.70
CA GLY A 186 -1.06 8.99 25.39
C GLY A 186 -0.09 8.16 24.59
N GLY A 187 0.39 8.65 23.46
CA GLY A 187 1.26 7.89 22.59
C GLY A 187 2.72 8.21 22.81
N ASN A 188 3.57 7.23 22.48
CA ASN A 188 5.01 7.41 22.55
C ASN A 188 5.55 7.75 21.16
N PRO A 189 5.90 9.01 20.87
CA PRO A 189 6.44 9.35 19.57
C PRO A 189 7.77 8.67 19.27
N LYS A 190 8.45 8.17 20.30
CA LYS A 190 9.68 7.40 20.12
C LYS A 190 9.42 5.95 19.72
N SER A 191 8.15 5.52 19.62
CA SER A 191 7.83 4.13 19.28
C SER A 191 6.71 4.12 18.23
N VAL A 192 7.08 4.44 16.98
CA VAL A 192 6.15 4.60 15.87
C VAL A 192 6.49 3.57 14.80
N THR A 193 5.54 2.73 14.44
CA THR A 193 5.75 1.73 13.40
C THR A 193 4.88 2.09 12.21
N LEU A 194 5.49 2.30 11.04
CA LEU A 194 4.71 2.48 9.83
C LEU A 194 4.28 1.10 9.33
N PHE A 195 3.03 1.00 8.89
CA PHE A 195 2.62 -0.18 8.14
C PHE A 195 1.66 0.25 7.05
N GLY A 196 1.73 -0.46 5.93
CA GLY A 196 0.86 -0.25 4.79
C GLY A 196 0.88 -1.47 3.89
N GLU A 197 0.05 -1.42 2.85
CA GLU A 197 -0.13 -2.52 1.91
C GLU A 197 -0.16 -1.98 0.50
N SER A 198 0.46 -2.72 -0.43
CA SER A 198 0.47 -2.40 -1.87
C SER A 198 1.18 -1.06 -2.07
N ALA A 199 0.58 -0.05 -2.71
CA ALA A 199 1.26 1.23 -2.81
C ALA A 199 1.55 1.82 -1.43
N GLY A 200 0.76 1.46 -0.41
CA GLY A 200 1.11 1.87 0.95
C GLY A 200 2.40 1.23 1.44
N ALA A 201 2.61 -0.05 1.12
CA ALA A 201 3.87 -0.70 1.49
C ALA A 201 5.03 -0.12 0.70
N ALA A 202 4.84 0.11 -0.60
CA ALA A 202 5.83 0.86 -1.37
C ALA A 202 6.15 2.21 -0.72
N SER A 203 5.11 2.95 -0.32
CA SER A 203 5.31 4.20 0.43
C SER A 203 6.17 3.98 1.67
N VAL A 204 5.86 2.96 2.46
CA VAL A 204 6.62 2.73 3.69
C VAL A 204 8.10 2.55 3.35
N SER A 205 8.39 1.78 2.30
CA SER A 205 9.79 1.56 1.96
C SER A 205 10.46 2.84 1.47
N LEU A 206 9.70 3.74 0.85
CA LEU A 206 10.30 5.00 0.42
C LEU A 206 10.61 5.89 1.62
N HIS A 207 9.81 5.80 2.69
CA HIS A 207 10.14 6.51 3.93
C HIS A 207 11.42 5.97 4.56
N LEU A 208 11.67 4.65 4.46
CA LEU A 208 12.96 4.13 4.89
C LEU A 208 14.10 4.74 4.08
N LEU A 209 13.83 5.21 2.87
CA LEU A 209 14.86 5.77 2.03
C LEU A 209 14.98 7.28 2.16
N SER A 210 13.93 7.97 2.61
CA SER A 210 13.89 9.41 2.52
C SER A 210 14.53 10.03 3.76
N PRO A 211 15.61 10.79 3.62
CA PRO A 211 16.21 11.41 4.82
C PRO A 211 15.23 12.19 5.68
N GLY A 212 14.25 12.87 5.08
CA GLY A 212 13.32 13.69 5.85
C GLY A 212 12.34 12.90 6.71
N SER A 213 12.21 11.59 6.48
CA SER A 213 11.35 10.73 7.27
C SER A 213 12.10 9.92 8.33
N HIS A 214 13.45 9.96 8.31
N HIS A 214 13.43 9.97 8.34
CA HIS A 214 14.27 9.12 9.18
CA HIS A 214 14.18 9.04 9.19
C HIS A 214 13.87 9.27 10.65
C HIS A 214 13.90 9.26 10.67
N SER A 215 13.71 10.52 11.09
CA SER A 215 13.46 10.81 12.50
C SER A 215 11.99 10.73 12.87
N LEU A 216 11.12 10.37 11.93
CA LEU A 216 9.68 10.40 12.14
C LEU A 216 9.06 9.03 12.40
N PHE A 217 9.86 7.96 12.43
CA PHE A 217 9.33 6.65 12.78
C PHE A 217 10.45 5.73 13.26
N THR A 218 10.04 4.61 13.87
CA THR A 218 10.97 3.66 14.46
C THR A 218 11.21 2.44 13.57
N ARG A 219 10.12 1.76 13.19
CA ARG A 219 10.13 0.48 12.51
C ARG A 219 9.15 0.49 11.35
N ALA A 220 9.22 -0.53 10.49
CA ALA A 220 8.38 -0.55 9.29
C ALA A 220 7.86 -1.96 8.98
N ILE A 221 6.63 -2.00 8.47
CA ILE A 221 5.94 -3.22 8.04
C ILE A 221 5.45 -3.01 6.61
N LEU A 222 5.82 -3.91 5.70
CA LEU A 222 5.53 -3.82 4.27
C LEU A 222 4.68 -5.01 3.83
N GLN A 223 3.37 -4.81 3.67
CA GLN A 223 2.47 -5.88 3.23
C GLN A 223 2.25 -5.82 1.72
N SER A 224 2.82 -6.79 0.99
CA SER A 224 2.61 -6.90 -0.47
C SER A 224 2.97 -5.61 -1.19
N GLY A 225 4.20 -5.14 -1.00
CA GLY A 225 4.63 -3.98 -1.73
C GLY A 225 5.99 -3.48 -1.32
N SER A 226 6.77 -2.94 -2.27
CA SER A 226 8.06 -2.31 -1.98
C SER A 226 8.40 -1.40 -3.15
N PHE A 227 9.28 -0.42 -2.91
CA PHE A 227 9.55 0.56 -3.97
C PHE A 227 10.20 -0.09 -5.19
N ASN A 228 10.85 -1.23 -5.02
CA ASN A 228 11.53 -1.81 -6.17
C ASN A 228 10.57 -2.64 -7.02
N ALA A 229 9.28 -2.65 -6.70
CA ALA A 229 8.32 -3.28 -7.57
C ALA A 229 8.20 -2.49 -8.87
N PRO A 230 7.99 -3.17 -10.01
CA PRO A 230 8.05 -2.46 -11.30
C PRO A 230 7.01 -1.35 -11.47
N TRP A 231 5.89 -1.40 -10.76
CA TRP A 231 4.84 -0.39 -10.87
C TRP A 231 5.06 0.83 -9.98
N ALA A 232 6.13 0.88 -9.17
CA ALA A 232 6.15 1.76 -8.00
C ALA A 232 6.80 3.12 -8.22
N VAL A 233 7.77 3.24 -9.12
CA VAL A 233 8.50 4.49 -9.32
C VAL A 233 8.42 4.84 -10.80
N THR A 234 7.90 6.02 -11.10
CA THR A 234 7.85 6.52 -12.48
C THR A 234 9.16 7.23 -12.82
N SER A 235 9.66 6.98 -14.04
CA SER A 235 10.88 7.61 -14.50
C SER A 235 10.67 9.10 -14.77
N LEU A 236 11.78 9.84 -14.78
CA LEU A 236 11.71 11.28 -15.08
C LEU A 236 11.24 11.51 -16.51
N TYR A 237 11.73 10.71 -17.47
CA TYR A 237 11.19 10.75 -18.84
C TYR A 237 9.68 10.55 -18.83
N GLU A 238 9.22 9.40 -18.32
CA GLU A 238 7.80 9.10 -18.30
C GLU A 238 7.01 10.22 -17.63
N ALA A 239 7.44 10.65 -16.44
CA ALA A 239 6.66 11.62 -15.68
C ALA A 239 6.40 12.90 -16.48
N ARG A 240 7.42 13.40 -17.19
CA ARG A 240 7.18 14.60 -18.00
C ARG A 240 6.25 14.30 -19.17
N ASN A 241 6.52 13.22 -19.93
CA ASN A 241 5.63 12.87 -21.04
C ASN A 241 4.19 12.78 -20.57
N ARG A 242 3.97 12.30 -19.34
CA ARG A 242 2.62 12.16 -18.81
C ARG A 242 2.03 13.51 -18.40
N THR A 243 2.84 14.34 -17.74
CA THR A 243 2.43 15.71 -17.45
C THR A 243 2.06 16.46 -18.73
N LEU A 244 2.92 16.41 -19.76
CA LEU A 244 2.61 17.10 -21.01
C LEU A 244 1.40 16.48 -21.71
N ASN A 245 1.25 15.17 -21.63
CA ASN A 245 0.08 14.55 -22.25
C ASN A 245 -1.20 14.95 -21.54
N LEU A 246 -1.18 14.99 -20.20
CA LEU A 246 -2.32 15.55 -19.49
C LEU A 246 -2.60 16.98 -19.94
N ALA A 247 -1.54 17.78 -20.16
CA ALA A 247 -1.69 19.17 -20.56
C ALA A 247 -2.37 19.27 -21.92
N LYS A 248 -1.82 18.57 -22.93
CA LYS A 248 -2.47 18.57 -24.23
C LYS A 248 -3.93 18.12 -24.12
N LEU A 249 -4.20 17.08 -23.33
CA LEU A 249 -5.57 16.57 -23.19
C LEU A 249 -6.53 17.59 -22.57
N THR A 250 -6.03 18.59 -21.85
CA THR A 250 -6.88 19.59 -21.22
C THR A 250 -6.70 20.98 -21.82
N GLY A 251 -6.04 21.09 -22.97
CA GLY A 251 -5.83 22.40 -23.58
C GLY A 251 -4.87 23.29 -22.83
N CYS A 252 -4.00 22.72 -21.99
CA CYS A 252 -3.12 23.49 -21.13
C CYS A 252 -1.69 23.50 -21.61
N SER A 253 -1.42 22.93 -22.80
CA SER A 253 -0.08 23.01 -23.36
C SER A 253 0.37 24.47 -23.43
N ARG A 254 1.57 24.74 -22.94
CA ARG A 254 2.18 26.05 -22.98
C ARG A 254 3.68 25.88 -23.19
N GLU A 255 4.37 26.96 -23.52
CA GLU A 255 5.83 26.90 -23.56
C GLU A 255 6.42 27.07 -22.16
N ASN A 256 5.85 27.97 -21.38
CA ASN A 256 6.24 28.15 -19.98
C ASN A 256 5.68 26.98 -19.16
N GLU A 257 6.56 26.20 -18.54
CA GLU A 257 6.10 25.09 -17.72
C GLU A 257 5.26 25.58 -16.55
N THR A 258 5.62 26.73 -15.98
CA THR A 258 4.83 27.27 -14.89
C THR A 258 3.44 27.67 -15.37
N GLU A 259 3.34 28.16 -16.61
CA GLU A 259 2.03 28.52 -17.14
C GLU A 259 1.14 27.28 -17.33
N ILE A 260 1.75 26.14 -17.70
CA ILE A 260 0.98 24.90 -17.76
C ILE A 260 0.34 24.62 -16.41
N ILE A 261 1.14 24.71 -15.33
CA ILE A 261 0.61 24.40 -14.00
C ILE A 261 -0.54 25.34 -13.66
N LYS A 262 -0.32 26.65 -13.82
CA LYS A 262 -1.40 27.60 -13.56
C LYS A 262 -2.64 27.26 -14.36
N CYS A 263 -2.46 26.83 -15.63
CA CYS A 263 -3.62 26.40 -16.42
C CYS A 263 -4.28 25.18 -15.80
N LEU A 264 -3.49 24.20 -15.35
CA LEU A 264 -4.08 23.02 -14.72
C LEU A 264 -4.75 23.34 -13.39
N ARG A 265 -4.37 24.45 -12.76
CA ARG A 265 -5.00 24.88 -11.52
C ARG A 265 -6.43 25.39 -11.73
N ASN A 266 -6.76 25.86 -12.92
CA ASN A 266 -8.10 26.39 -13.13
C ASN A 266 -9.05 25.36 -13.72
N LYS A 267 -8.57 24.16 -14.01
CA LYS A 267 -9.46 23.08 -14.42
C LYS A 267 -10.16 22.51 -13.19
N ASP A 268 -11.35 21.94 -13.43
CA ASP A 268 -12.10 21.32 -12.34
C ASP A 268 -11.52 19.95 -12.01
N PRO A 269 -11.53 19.56 -10.73
CA PRO A 269 -10.99 18.26 -10.34
C PRO A 269 -11.37 17.12 -11.29
N GLN A 270 -12.59 17.18 -11.83
CA GLN A 270 -13.11 16.08 -12.64
C GLN A 270 -12.49 16.03 -14.04
N GLU A 271 -12.11 17.19 -14.61
CA GLU A 271 -11.44 17.18 -15.90
C GLU A 271 -10.02 16.62 -15.80
N ILE A 272 -9.33 16.91 -14.69
CA ILE A 272 -8.05 16.28 -14.46
C ILE A 272 -8.21 14.77 -14.32
N LEU A 273 -9.22 14.34 -13.58
CA LEU A 273 -9.42 12.91 -13.34
C LEU A 273 -9.78 12.17 -14.62
N LEU A 274 -10.64 12.76 -15.46
CA LEU A 274 -11.07 12.11 -16.68
C LEU A 274 -9.89 11.86 -17.63
N ASN A 275 -8.92 12.76 -17.65
CA ASN A 275 -7.82 12.67 -18.59
C ASN A 275 -6.59 11.95 -18.05
N GLU A 276 -6.57 11.58 -16.77
CA GLU A 276 -5.43 10.89 -16.19
C GLU A 276 -5.19 9.55 -16.86
N ALA A 277 -6.27 8.83 -17.19
CA ALA A 277 -6.12 7.47 -17.69
C ALA A 277 -5.36 7.45 -19.00
N PHE A 278 -5.51 8.51 -19.80
CA PHE A 278 -5.02 8.55 -21.17
C PHE A 278 -3.63 9.18 -21.30
N VAL A 279 -2.98 9.57 -20.21
CA VAL A 279 -1.63 10.10 -20.33
C VAL A 279 -0.62 9.02 -20.71
N VAL A 280 -0.98 7.75 -20.60
CA VAL A 280 -0.14 6.67 -21.12
C VAL A 280 -0.82 6.06 -22.35
N PRO A 281 -0.04 5.57 -23.33
CA PRO A 281 -0.65 4.83 -24.45
C PRO A 281 -0.95 3.38 -24.08
N TYR A 282 -0.15 2.81 -23.19
CA TYR A 282 -0.30 1.42 -22.74
C TYR A 282 -1.29 1.40 -21.58
N GLY A 283 -2.56 1.65 -21.95
N GLY A 283 -2.57 1.33 -21.93
CA GLY A 283 -3.56 2.17 -21.03
CA GLY A 283 -3.58 1.05 -20.90
C GLY A 283 -4.45 1.11 -20.42
C GLY A 283 -3.45 -0.31 -20.25
N THR A 284 -4.19 0.79 -19.16
N THR A 284 -2.61 -0.43 -19.13
CA THR A 284 -4.89 -0.23 -18.41
CA THR A 284 -2.51 -1.67 -18.37
C THR A 284 -5.58 0.42 -17.21
C THR A 284 -3.43 -1.61 -17.15
N PRO A 285 -6.65 -0.18 -16.68
N PRO A 285 -3.88 -2.77 -16.64
CA PRO A 285 -7.16 0.28 -15.38
CA PRO A 285 -4.79 -2.74 -15.47
C PRO A 285 -6.18 0.09 -14.25
C PRO A 285 -4.29 -1.88 -14.33
N LEU A 286 -5.04 -0.57 -14.51
N LEU A 286 -3.05 -2.12 -13.89
CA LEU A 286 -3.98 -0.81 -13.53
CA LEU A 286 -2.44 -1.26 -12.88
C LEU A 286 -2.69 -0.09 -13.93
C LEU A 286 -2.44 0.19 -13.33
N SER A 287 -2.82 1.01 -14.64
N SER A 287 -1.72 0.48 -14.41
CA SER A 287 -1.68 1.87 -14.90
CA SER A 287 -1.56 1.83 -14.94
C SER A 287 -1.45 2.76 -13.69
C SER A 287 -1.37 2.85 -13.83
N VAL A 288 -0.21 2.81 -13.19
CA VAL A 288 0.18 3.78 -12.19
C VAL A 288 0.49 5.08 -12.93
N ASN A 289 -0.57 5.79 -13.38
CA ASN A 289 -0.39 6.90 -14.31
C ASN A 289 0.49 7.99 -13.72
N PHE A 290 0.28 8.33 -12.46
CA PHE A 290 1.05 9.35 -11.77
C PHE A 290 1.47 8.77 -10.43
N GLY A 291 2.77 8.58 -10.24
CA GLY A 291 3.25 7.97 -9.02
C GLY A 291 4.56 8.56 -8.57
N PRO A 292 5.23 7.89 -7.64
CA PRO A 292 6.49 8.44 -7.11
C PRO A 292 7.54 8.62 -8.21
N THR A 293 8.38 9.63 -8.01
CA THR A 293 9.46 9.95 -8.93
C THR A 293 10.68 10.35 -8.11
N VAL A 294 11.82 10.38 -8.78
CA VAL A 294 13.02 10.92 -8.17
C VAL A 294 12.93 12.45 -8.27
N ASP A 295 12.43 13.07 -7.22
CA ASP A 295 12.19 14.52 -7.21
C ASP A 295 13.41 15.33 -6.75
N GLY A 296 14.39 14.71 -6.11
CA GLY A 296 15.50 15.46 -5.56
C GLY A 296 15.23 16.09 -4.21
N ASP A 297 14.10 15.75 -3.58
CA ASP A 297 13.67 16.33 -2.32
C ASP A 297 13.28 15.19 -1.40
N PHE A 298 12.14 14.54 -1.69
CA PHE A 298 11.81 13.31 -0.99
C PHE A 298 12.80 12.21 -1.35
N LEU A 299 13.00 11.97 -2.64
CA LEU A 299 13.91 10.94 -3.14
C LEU A 299 15.13 11.61 -3.72
N THR A 300 16.30 11.39 -3.11
CA THR A 300 17.50 12.10 -3.52
C THR A 300 18.20 11.45 -4.70
N ASP A 301 17.85 10.20 -5.05
CA ASP A 301 18.53 9.41 -6.07
C ASP A 301 17.57 8.28 -6.44
N MET A 302 17.93 7.54 -7.47
CA MET A 302 17.11 6.41 -7.86
C MET A 302 17.12 5.35 -6.77
N PRO A 303 15.96 4.89 -6.29
CA PRO A 303 15.94 4.08 -5.08
C PRO A 303 16.64 2.74 -5.22
N ASP A 304 16.72 2.17 -6.42
CA ASP A 304 17.51 0.95 -6.58
C ASP A 304 18.96 1.17 -6.17
N ILE A 305 19.50 2.39 -6.40
CA ILE A 305 20.88 2.67 -6.00
C ILE A 305 21.01 2.81 -4.48
N LEU A 306 20.11 3.58 -3.84
CA LEU A 306 20.15 3.74 -2.39
C LEU A 306 20.03 2.40 -1.67
N LEU A 307 19.11 1.54 -2.14
CA LEU A 307 18.96 0.21 -1.58
C LEU A 307 20.26 -0.58 -1.71
N GLU A 308 20.82 -0.61 -2.92
CA GLU A 308 22.00 -1.41 -3.20
C GLU A 308 23.19 -0.96 -2.37
N LEU A 309 23.31 0.34 -2.10
CA LEU A 309 24.48 0.89 -1.41
C LEU A 309 24.16 1.28 0.03
N GLY A 310 23.10 0.72 0.60
CA GLY A 310 22.90 0.83 2.03
C GLY A 310 22.47 2.19 2.50
N GLN A 311 21.91 3.03 1.63
CA GLN A 311 21.50 4.39 2.00
C GLN A 311 20.03 4.38 2.39
N PHE A 312 19.77 3.95 3.63
CA PHE A 312 18.41 3.91 4.16
C PHE A 312 18.45 3.83 5.68
N LYS A 313 17.29 4.05 6.31
CA LYS A 313 17.17 3.96 7.76
C LYS A 313 17.47 2.54 8.25
N LYS A 314 18.35 2.43 9.24
CA LYS A 314 18.75 1.13 9.79
C LYS A 314 17.83 0.80 10.96
N THR A 315 17.02 -0.25 10.80
CA THR A 315 15.96 -0.59 11.73
C THR A 315 15.39 -1.93 11.27
N GLN A 316 14.48 -2.49 12.06
CA GLN A 316 13.90 -3.79 11.74
C GLN A 316 12.76 -3.61 10.76
N ILE A 317 12.62 -4.56 9.83
CA ILE A 317 11.45 -4.55 8.96
C ILE A 317 10.70 -5.88 9.07
N LEU A 318 9.38 -5.80 8.88
CA LEU A 318 8.52 -6.96 8.71
C LEU A 318 7.94 -6.87 7.31
N VAL A 319 8.23 -7.89 6.50
CA VAL A 319 7.86 -7.84 5.08
C VAL A 319 7.14 -9.15 4.74
N GLY A 320 6.19 -9.08 3.80
CA GLY A 320 5.46 -10.28 3.45
C GLY A 320 4.60 -10.09 2.23
N VAL A 321 4.03 -11.22 1.77
CA VAL A 321 3.23 -11.29 0.55
C VAL A 321 2.19 -12.41 0.73
N ASN A 322 1.17 -12.35 -0.13
CA ASN A 322 0.10 -13.33 -0.19
C ASN A 322 0.35 -14.34 -1.30
N LYS A 323 -0.28 -15.51 -1.15
CA LYS A 323 -0.01 -16.65 -2.03
C LYS A 323 -0.41 -16.36 -3.47
N ASP A 324 -1.57 -15.73 -3.68
CA ASP A 324 -1.99 -15.43 -5.04
C ASP A 324 -2.08 -13.91 -5.28
N GLU A 325 -0.95 -13.22 -5.14
CA GLU A 325 -0.91 -11.78 -5.39
C GLU A 325 -1.50 -11.39 -6.75
N GLY A 326 -1.25 -12.20 -7.79
CA GLY A 326 -1.54 -11.78 -9.16
C GLY A 326 -2.96 -11.98 -9.65
N THR A 327 -3.77 -12.84 -9.00
CA THR A 327 -5.03 -13.25 -9.62
C THR A 327 -6.03 -12.11 -9.74
N ALA A 328 -6.13 -11.25 -8.72
CA ALA A 328 -7.05 -10.11 -8.74
C ALA A 328 -6.92 -9.29 -10.01
N PHE A 329 -5.72 -9.20 -10.57
CA PHE A 329 -5.57 -8.28 -11.69
C PHE A 329 -5.95 -8.90 -13.02
N LEU A 330 -6.21 -10.20 -13.05
CA LEU A 330 -6.52 -10.85 -14.33
C LEU A 330 -7.92 -10.54 -14.83
N VAL A 331 -8.85 -10.18 -13.94
CA VAL A 331 -10.21 -9.90 -14.37
C VAL A 331 -10.37 -8.44 -14.74
N TYR A 332 -9.27 -7.67 -14.75
CA TYR A 332 -9.28 -6.30 -15.24
C TYR A 332 -8.59 -6.19 -16.59
N GLY A 333 -8.80 -7.16 -17.47
CA GLY A 333 -8.31 -7.00 -18.83
C GLY A 333 -7.84 -8.25 -19.54
N ALA A 334 -7.33 -9.24 -18.81
CA ALA A 334 -6.79 -10.43 -19.45
C ALA A 334 -7.92 -11.17 -20.18
N PRO A 335 -7.68 -11.65 -21.40
CA PRO A 335 -8.75 -12.33 -22.14
C PRO A 335 -9.07 -13.69 -21.53
N GLY A 336 -10.36 -14.05 -21.57
CA GLY A 336 -10.82 -15.32 -21.07
C GLY A 336 -11.09 -15.37 -19.58
N PHE A 337 -10.73 -14.33 -18.84
CA PHE A 337 -10.89 -14.32 -17.39
C PHE A 337 -12.23 -13.70 -17.00
N SER A 338 -12.82 -14.22 -15.92
CA SER A 338 -14.05 -13.65 -15.38
C SER A 338 -14.13 -14.05 -13.92
N LYS A 339 -14.65 -13.15 -13.07
CA LYS A 339 -14.88 -13.61 -11.71
C LYS A 339 -16.07 -14.54 -11.61
N ASP A 340 -16.86 -14.69 -12.70
CA ASP A 340 -18.10 -15.44 -12.70
C ASP A 340 -17.97 -16.80 -13.38
N ASN A 341 -16.76 -17.22 -13.73
CA ASN A 341 -16.51 -18.58 -14.20
C ASN A 341 -15.08 -18.93 -13.82
N ASN A 342 -14.65 -20.15 -14.14
CA ASN A 342 -13.36 -20.64 -13.68
C ASN A 342 -12.21 -20.24 -14.59
N SER A 343 -12.47 -19.45 -15.63
CA SER A 343 -11.43 -18.75 -16.39
C SER A 343 -10.35 -19.71 -16.90
N ILE A 344 -10.76 -20.88 -17.35
CA ILE A 344 -9.86 -21.79 -18.05
C ILE A 344 -9.49 -21.14 -19.38
N ILE A 345 -8.22 -20.75 -19.53
CA ILE A 345 -7.76 -20.10 -20.73
C ILE A 345 -6.83 -21.04 -21.49
N THR A 346 -6.72 -20.79 -22.78
CA THR A 346 -5.85 -21.59 -23.64
C THR A 346 -4.45 -20.98 -23.72
N ARG A 347 -3.56 -21.66 -24.43
CA ARG A 347 -2.23 -21.12 -24.69
C ARG A 347 -2.32 -19.75 -25.36
N LYS A 348 -3.16 -19.65 -26.39
CA LYS A 348 -3.29 -18.39 -27.11
C LYS A 348 -3.78 -17.26 -26.22
N GLU A 349 -4.67 -17.57 -25.25
CA GLU A 349 -5.18 -16.53 -24.36
C GLU A 349 -4.11 -16.12 -23.34
N PHE A 350 -3.33 -17.09 -22.85
CA PHE A 350 -2.19 -16.77 -22.00
C PHE A 350 -1.24 -15.79 -22.69
N GLN A 351 -0.84 -16.10 -23.94
CA GLN A 351 0.08 -15.21 -24.66
C GLN A 351 -0.54 -13.83 -24.85
N GLU A 352 -1.84 -13.78 -25.15
CA GLU A 352 -2.54 -12.51 -25.21
C GLU A 352 -2.47 -11.77 -23.88
N GLY A 353 -2.45 -12.51 -22.77
CA GLY A 353 -2.39 -11.87 -21.46
C GLY A 353 -1.05 -11.21 -21.19
N LEU A 354 0.03 -11.85 -21.64
CA LEU A 354 1.35 -11.25 -21.49
C LEU A 354 1.45 -9.92 -22.23
N LYS A 355 0.81 -9.81 -23.41
CA LYS A 355 0.80 -8.53 -24.10
C LYS A 355 0.07 -7.46 -23.29
N ILE A 356 -0.98 -7.84 -22.55
CA ILE A 356 -1.69 -6.91 -21.66
C ILE A 356 -0.77 -6.41 -20.55
N PHE A 357 -0.14 -7.33 -19.84
CA PHE A 357 0.58 -6.99 -18.62
C PHE A 357 2.03 -6.62 -18.85
N PHE A 358 2.54 -6.81 -20.06
CA PHE A 358 3.93 -6.48 -20.38
C PHE A 358 3.96 -5.71 -21.70
N PRO A 359 3.29 -4.56 -21.74
CA PRO A 359 2.98 -3.93 -23.04
C PRO A 359 4.22 -3.49 -23.83
N GLY A 360 5.22 -2.92 -23.17
CA GLY A 360 6.35 -2.41 -23.93
C GLY A 360 7.53 -3.36 -24.01
N VAL A 361 7.29 -4.66 -23.79
CA VAL A 361 8.35 -5.66 -23.71
C VAL A 361 8.48 -6.35 -25.07
N SER A 362 9.72 -6.66 -25.46
CA SER A 362 9.99 -7.32 -26.73
C SER A 362 9.28 -8.67 -26.83
N GLU A 363 9.15 -9.15 -28.07
CA GLU A 363 8.62 -10.49 -28.30
C GLU A 363 9.42 -11.54 -27.55
N PHE A 364 10.75 -11.41 -27.60
CA PHE A 364 11.62 -12.36 -26.92
C PHE A 364 11.41 -12.30 -25.41
N GLY A 365 11.24 -11.10 -24.87
CA GLY A 365 10.90 -10.98 -23.46
C GLY A 365 9.64 -11.74 -23.09
N LYS A 366 8.61 -11.62 -23.93
CA LYS A 366 7.35 -12.31 -23.62
C LYS A 366 7.50 -13.81 -23.79
N GLU A 367 8.26 -14.25 -24.80
CA GLU A 367 8.46 -15.69 -24.95
C GLU A 367 9.28 -16.24 -23.79
N SER A 368 10.23 -15.45 -23.29
CA SER A 368 11.01 -15.89 -22.13
C SER A 368 10.12 -16.10 -20.91
N ILE A 369 9.10 -15.25 -20.71
CA ILE A 369 8.14 -15.49 -19.63
C ILE A 369 7.36 -16.78 -19.90
N LEU A 370 6.84 -16.93 -21.11
CA LEU A 370 6.11 -18.15 -21.44
C LEU A 370 6.98 -19.37 -21.21
N PHE A 371 8.25 -19.29 -21.60
CA PHE A 371 9.15 -20.45 -21.47
C PHE A 371 9.36 -20.82 -20.02
N HIS A 372 9.60 -19.83 -19.14
CA HIS A 372 9.88 -20.12 -17.74
CA HIS A 372 9.90 -20.17 -17.76
C HIS A 372 8.63 -20.56 -16.98
N TYR A 373 7.44 -20.25 -17.48
CA TYR A 373 6.24 -20.57 -16.70
C TYR A 373 5.35 -21.63 -17.33
N THR A 374 5.74 -22.26 -18.45
CA THR A 374 4.86 -23.22 -19.10
C THR A 374 5.50 -24.59 -19.26
N ASP A 375 6.44 -24.93 -18.39
CA ASP A 375 7.02 -26.27 -18.38
C ASP A 375 6.26 -27.09 -17.33
N TRP A 376 5.17 -27.73 -17.78
CA TRP A 376 4.12 -28.21 -16.89
C TRP A 376 4.47 -29.49 -16.16
N VAL A 377 4.03 -29.58 -14.90
CA VAL A 377 4.04 -30.87 -14.20
C VAL A 377 3.08 -31.84 -14.88
N ASP A 378 1.96 -31.34 -15.41
CA ASP A 378 1.05 -32.14 -16.23
C ASP A 378 0.40 -31.19 -17.23
N ASP A 379 0.66 -31.41 -18.53
CA ASP A 379 0.24 -30.51 -19.60
C ASP A 379 -1.23 -30.65 -19.96
N GLN A 380 -1.90 -31.70 -19.50
CA GLN A 380 -3.30 -31.92 -19.77
C GLN A 380 -4.23 -31.32 -18.72
N ARG A 381 -3.69 -30.87 -17.57
CA ARG A 381 -4.49 -30.18 -16.56
C ARG A 381 -5.01 -28.87 -17.15
N PRO A 382 -6.32 -28.66 -17.24
CA PRO A 382 -6.83 -27.50 -18.00
C PRO A 382 -6.59 -26.15 -17.33
N GLU A 383 -6.32 -26.11 -16.02
CA GLU A 383 -6.11 -24.84 -15.35
C GLU A 383 -4.67 -24.32 -15.50
N ASN A 384 -3.83 -25.01 -16.29
CA ASN A 384 -2.40 -24.72 -16.34
C ASN A 384 -2.12 -23.28 -16.71
N TYR A 385 -2.69 -22.81 -17.82
CA TYR A 385 -2.42 -21.44 -18.27
C TYR A 385 -3.08 -20.41 -17.37
N ARG A 386 -4.26 -20.72 -16.86
CA ARG A 386 -4.94 -19.78 -15.96
C ARG A 386 -4.07 -19.49 -14.73
N GLU A 387 -3.56 -20.55 -14.10
CA GLU A 387 -2.74 -20.35 -12.90
C GLU A 387 -1.36 -19.81 -13.23
N ALA A 388 -0.80 -20.14 -14.40
CA ALA A 388 0.50 -19.59 -14.76
C ALA A 388 0.43 -18.07 -14.92
N LEU A 389 -0.61 -17.54 -15.55
CA LEU A 389 -0.67 -16.10 -15.75
C LEU A 389 -0.82 -15.40 -14.41
N GLY A 390 -1.62 -15.97 -13.50
CA GLY A 390 -1.68 -15.43 -12.15
C GLY A 390 -0.32 -15.37 -11.46
N ASP A 391 0.45 -16.45 -11.53
CA ASP A 391 1.76 -16.48 -10.89
C ASP A 391 2.72 -15.50 -11.55
N VAL A 392 2.64 -15.37 -12.88
CA VAL A 392 3.46 -14.40 -13.60
C VAL A 392 3.22 -13.00 -13.06
N VAL A 393 1.95 -12.58 -12.99
CA VAL A 393 1.64 -11.22 -12.57
C VAL A 393 2.03 -11.00 -11.10
N GLY A 394 1.84 -12.03 -10.26
CA GLY A 394 2.12 -11.87 -8.84
C GLY A 394 3.60 -11.95 -8.50
N ASP A 395 4.33 -12.85 -9.17
CA ASP A 395 5.78 -12.95 -8.90
C ASP A 395 6.52 -11.72 -9.41
N TYR A 396 6.13 -11.25 -10.60
CA TYR A 396 6.81 -10.10 -11.19
C TYR A 396 6.49 -8.81 -10.43
N ASN A 397 5.23 -8.62 -10.06
CA ASN A 397 4.83 -7.34 -9.51
C ASN A 397 4.98 -7.24 -8.00
N PHE A 398 4.97 -8.36 -7.26
CA PHE A 398 4.93 -8.31 -5.81
C PHE A 398 5.93 -9.25 -5.16
N ILE A 399 5.84 -10.55 -5.40
CA ILE A 399 6.56 -11.49 -4.52
C ILE A 399 8.07 -11.30 -4.67
N CYS A 400 8.58 -11.27 -5.92
CA CYS A 400 10.04 -11.15 -6.09
C CYS A 400 10.60 -9.75 -5.74
N PRO A 401 9.91 -8.65 -6.06
CA PRO A 401 10.39 -7.35 -5.53
C PRO A 401 10.44 -7.30 -4.00
N ALA A 402 9.47 -7.89 -3.31
CA ALA A 402 9.50 -7.91 -1.84
C ALA A 402 10.62 -8.80 -1.31
N LEU A 403 10.80 -9.98 -1.90
CA LEU A 403 11.93 -10.81 -1.48
C LEU A 403 13.25 -10.10 -1.71
N GLU A 404 13.44 -9.49 -2.89
CA GLU A 404 14.69 -8.80 -3.19
C GLU A 404 14.92 -7.62 -2.26
N PHE A 405 13.87 -6.85 -1.98
CA PHE A 405 13.97 -5.79 -1.00
C PHE A 405 14.44 -6.34 0.34
N THR A 406 13.78 -7.41 0.83
CA THR A 406 14.16 -7.99 2.12
C THR A 406 15.62 -8.45 2.12
N LYS A 407 16.06 -9.14 1.06
CA LYS A 407 17.47 -9.57 0.96
C LYS A 407 18.40 -8.38 1.10
N LYS A 408 18.21 -7.37 0.27
CA LYS A 408 19.13 -6.25 0.25
C LYS A 408 19.09 -5.48 1.56
N PHE A 409 17.90 -5.28 2.12
CA PHE A 409 17.82 -4.54 3.38
C PHE A 409 18.53 -5.28 4.49
N SER A 410 18.33 -6.61 4.58
CA SER A 410 18.97 -7.39 5.64
C SER A 410 20.49 -7.49 5.46
N GLU A 411 21.01 -7.41 4.23
CA GLU A 411 22.46 -7.54 4.04
C GLU A 411 23.22 -6.44 4.76
N TRP A 412 22.57 -5.34 5.12
CA TRP A 412 23.24 -4.28 5.85
C TRP A 412 23.07 -4.42 7.34
N GLY A 413 22.75 -5.62 7.82
CA GLY A 413 22.87 -5.91 9.23
C GLY A 413 21.62 -5.76 10.06
N ASN A 414 20.48 -5.49 9.46
CA ASN A 414 19.26 -5.33 10.24
C ASN A 414 18.41 -6.60 10.23
N ASN A 415 17.71 -6.81 11.34
CA ASN A 415 16.75 -7.90 11.45
C ASN A 415 15.56 -7.65 10.53
N ALA A 416 15.18 -8.70 9.81
CA ALA A 416 14.08 -8.66 8.86
C ALA A 416 13.32 -9.97 9.03
N PHE A 417 12.00 -9.86 9.00
CA PHE A 417 11.11 -11.01 9.14
C PHE A 417 10.20 -11.05 7.92
N PHE A 418 10.11 -12.23 7.31
CA PHE A 418 9.33 -12.40 6.09
C PHE A 418 8.23 -13.43 6.31
N TYR A 419 7.04 -13.11 5.83
CA TYR A 419 5.90 -13.99 5.96
C TYR A 419 5.31 -14.29 4.60
N TYR A 420 4.60 -15.41 4.52
CA TYR A 420 3.92 -15.85 3.31
C TYR A 420 2.52 -16.19 3.75
N PHE A 421 1.56 -15.33 3.42
CA PHE A 421 0.18 -15.47 3.86
C PHE A 421 -0.59 -16.35 2.88
N GLU A 422 -1.11 -17.49 3.37
CA GLU A 422 -1.77 -18.44 2.48
C GLU A 422 -3.16 -18.83 2.95
N HIS A 423 -3.82 -18.00 3.75
CA HIS A 423 -5.19 -18.28 4.12
C HIS A 423 -6.16 -17.46 3.28
N ARG A 424 -7.09 -18.15 2.64
CA ARG A 424 -8.15 -17.53 1.87
C ARG A 424 -9.37 -17.28 2.76
N SER A 425 -9.74 -16.01 2.92
CA SER A 425 -10.83 -15.66 3.83
C SER A 425 -12.08 -16.48 3.54
N SER A 426 -12.71 -17.01 4.60
CA SER A 426 -13.98 -17.75 4.42
C SER A 426 -15.08 -16.85 3.87
N LYS A 427 -15.02 -15.55 4.14
CA LYS A 427 -15.99 -14.59 3.63
C LYS A 427 -15.57 -13.97 2.29
N LEU A 428 -14.66 -14.59 1.54
CA LEU A 428 -14.09 -13.92 0.38
C LEU A 428 -15.11 -13.96 -0.77
N PRO A 429 -15.53 -12.82 -1.31
CA PRO A 429 -16.58 -12.82 -2.34
C PRO A 429 -16.09 -13.05 -3.76
N TRP A 430 -14.80 -13.10 -3.98
CA TRP A 430 -14.28 -13.44 -5.29
C TRP A 430 -14.23 -14.95 -5.47
N PRO A 431 -14.23 -15.44 -6.71
CA PRO A 431 -14.33 -16.90 -6.92
C PRO A 431 -13.08 -17.61 -6.40
N GLU A 432 -13.22 -18.92 -6.23
CA GLU A 432 -12.16 -19.71 -5.60
C GLU A 432 -10.90 -19.78 -6.44
N TRP A 433 -11.01 -19.72 -7.77
CA TRP A 433 -9.80 -19.78 -8.59
C TRP A 433 -8.86 -18.61 -8.29
N MET A 434 -9.37 -17.50 -7.74
CA MET A 434 -8.44 -16.43 -7.47
C MET A 434 -7.68 -16.60 -6.17
N GLY A 435 -8.02 -17.60 -5.36
CA GLY A 435 -7.17 -18.00 -4.24
C GLY A 435 -7.02 -16.96 -3.13
N VAL A 436 -5.79 -16.83 -2.65
CA VAL A 436 -5.40 -15.95 -1.52
C VAL A 436 -5.02 -14.61 -2.14
N MET A 437 -6.01 -13.74 -2.32
CA MET A 437 -5.94 -12.60 -3.22
C MET A 437 -5.13 -11.46 -2.61
N HIS A 438 -4.62 -10.60 -3.50
CA HIS A 438 -3.99 -9.35 -3.09
C HIS A 438 -4.96 -8.52 -2.25
N GLY A 439 -4.53 -8.12 -1.05
CA GLY A 439 -5.29 -7.25 -0.17
C GLY A 439 -6.13 -7.95 0.88
N TYR A 440 -6.16 -9.29 0.89
CA TYR A 440 -7.09 -10.00 1.75
C TYR A 440 -6.40 -10.62 2.95
N GLU A 441 -5.23 -10.11 3.29
CA GLU A 441 -4.65 -10.28 4.61
C GLU A 441 -4.97 -9.09 5.51
N ILE A 442 -5.30 -7.96 4.90
CA ILE A 442 -5.50 -6.71 5.61
C ILE A 442 -6.50 -6.88 6.74
N GLU A 443 -7.62 -7.56 6.47
CA GLU A 443 -8.64 -7.73 7.49
C GLU A 443 -8.14 -8.60 8.64
N PHE A 444 -7.22 -9.53 8.37
CA PHE A 444 -6.69 -10.31 9.48
C PHE A 444 -5.75 -9.46 10.31
N VAL A 445 -5.00 -8.58 9.65
CA VAL A 445 -4.05 -7.72 10.35
C VAL A 445 -4.76 -6.75 11.30
N PHE A 446 -5.88 -6.15 10.84
CA PHE A 446 -6.70 -5.21 11.61
C PHE A 446 -7.67 -5.91 12.56
N GLY A 447 -7.74 -7.24 12.52
CA GLY A 447 -8.44 -7.96 13.57
C GLY A 447 -9.93 -8.02 13.40
N LEU A 448 -10.43 -7.82 12.19
CA LEU A 448 -11.85 -7.98 11.92
C LEU A 448 -12.37 -9.38 12.28
N PRO A 449 -11.62 -10.47 12.06
CA PRO A 449 -12.12 -11.78 12.50
C PRO A 449 -12.27 -11.89 13.99
N LEU A 450 -11.74 -10.94 14.76
CA LEU A 450 -11.96 -10.97 16.20
C LEU A 450 -13.41 -10.66 16.56
N GLU A 451 -14.17 -10.03 15.67
CA GLU A 451 -15.59 -9.84 15.94
C GLU A 451 -16.34 -11.11 15.55
N ARG A 452 -16.86 -11.80 16.57
CA ARG A 452 -17.56 -13.07 16.36
C ARG A 452 -18.82 -12.89 15.52
N ARG A 453 -19.53 -11.77 15.69
CA ARG A 453 -20.74 -11.51 14.92
C ARG A 453 -20.49 -11.45 13.42
N ASP A 454 -19.24 -11.22 12.98
CA ASP A 454 -18.95 -11.02 11.57
C ASP A 454 -18.80 -12.32 10.78
N GLN A 455 -19.23 -13.46 11.34
CA GLN A 455 -19.30 -14.77 10.67
C GLN A 455 -18.00 -15.16 9.96
N TYR A 456 -16.87 -14.93 10.62
CA TYR A 456 -15.63 -15.62 10.29
C TYR A 456 -15.61 -16.94 11.07
N THR A 457 -14.74 -17.86 10.66
CA THR A 457 -14.68 -19.13 11.38
C THR A 457 -13.90 -18.97 12.68
N LYS A 458 -13.96 -20.00 13.52
CA LYS A 458 -13.18 -19.96 14.75
C LYS A 458 -11.69 -19.99 14.42
N ALA A 459 -11.29 -20.77 13.41
CA ALA A 459 -9.88 -20.83 13.08
C ALA A 459 -9.39 -19.48 12.56
N GLU A 460 -10.27 -18.71 11.90
CA GLU A 460 -9.88 -17.41 11.41
C GLU A 460 -9.71 -16.42 12.55
N GLU A 461 -10.57 -16.49 13.56
CA GLU A 461 -10.41 -15.63 14.74
C GLU A 461 -9.06 -15.87 15.40
N ILE A 462 -8.65 -17.13 15.52
CA ILE A 462 -7.38 -17.44 16.14
C ILE A 462 -6.21 -16.98 15.28
N LEU A 463 -6.33 -17.10 13.94
CA LEU A 463 -5.26 -16.62 13.05
C LEU A 463 -5.10 -15.11 13.14
N SER A 464 -6.19 -14.38 13.15
CA SER A 464 -6.11 -12.92 13.26
C SER A 464 -5.53 -12.53 14.62
N ARG A 465 -5.97 -13.23 15.66
CA ARG A 465 -5.48 -12.93 17.00
C ARG A 465 -3.97 -13.14 17.09
N SER A 466 -3.47 -14.21 16.47
N SER A 466 -3.46 -14.20 16.46
CA SER A 466 -2.02 -14.43 16.48
CA SER A 466 -2.02 -14.42 16.49
C SER A 466 -1.31 -13.39 15.63
C SER A 466 -1.29 -13.42 15.60
N ILE A 467 -1.88 -13.05 14.47
CA ILE A 467 -1.25 -12.05 13.60
C ILE A 467 -1.22 -10.70 14.31
N VAL A 468 -2.34 -10.31 14.90
CA VAL A 468 -2.41 -9.06 15.63
C VAL A 468 -1.33 -9.00 16.71
N LYS A 469 -1.19 -10.09 17.47
CA LYS A 469 -0.14 -10.17 18.48
C LYS A 469 1.24 -9.98 17.86
N ARG A 470 1.50 -10.64 16.73
CA ARG A 470 2.84 -10.54 16.15
C ARG A 470 3.11 -9.14 15.60
N TRP A 471 2.13 -8.54 14.92
CA TRP A 471 2.31 -7.16 14.45
C TRP A 471 2.62 -6.23 15.62
N ALA A 472 1.89 -6.38 16.72
CA ALA A 472 2.04 -5.48 17.86
C ALA A 472 3.35 -5.71 18.59
N ASN A 473 3.70 -6.99 18.79
CA ASN A 473 5.01 -7.27 19.36
C ASN A 473 6.13 -6.76 18.47
N PHE A 474 5.95 -6.80 17.14
CA PHE A 474 6.97 -6.23 16.26
C PHE A 474 7.03 -4.71 16.42
N ALA A 475 5.88 -4.06 16.39
CA ALA A 475 5.83 -2.62 16.60
C ALA A 475 6.44 -2.24 17.94
N LYS A 476 6.09 -2.99 19.00
CA LYS A 476 6.53 -2.61 20.34
C LYS A 476 7.99 -2.99 20.59
N TYR A 477 8.41 -4.18 20.17
CA TYR A 477 9.70 -4.71 20.61
C TYR A 477 10.62 -5.09 19.46
N GLY A 478 10.25 -4.79 18.22
CA GLY A 478 11.04 -5.18 17.07
C GLY A 478 11.13 -6.67 16.81
N ASN A 479 10.21 -7.46 17.34
CA ASN A 479 10.34 -8.91 17.28
C ASN A 479 8.95 -9.52 17.16
N PRO A 480 8.55 -10.08 15.96
CA PRO A 480 7.15 -10.47 15.73
C PRO A 480 6.82 -11.88 16.23
N GLN A 481 7.18 -12.17 17.47
CA GLN A 481 6.85 -13.44 18.10
C GLN A 481 5.49 -13.35 18.78
N GLU A 482 4.88 -14.53 18.96
CA GLU A 482 3.76 -14.74 19.87
C GLU A 482 4.32 -15.72 20.90
N THR A 483 4.60 -15.24 22.11
CA THR A 483 5.46 -15.98 23.05
C THR A 483 4.70 -16.87 24.02
N GLN A 484 3.38 -16.79 24.07
CA GLN A 484 2.64 -17.43 25.15
C GLN A 484 1.92 -18.70 24.72
N ASN A 485 1.56 -18.81 23.46
CA ASN A 485 0.71 -19.92 23.06
C ASN A 485 1.47 -20.93 22.21
N GLN A 486 2.64 -21.36 22.70
CA GLN A 486 3.50 -22.35 22.07
C GLN A 486 3.49 -22.23 20.55
N SER A 487 3.67 -20.99 20.10
CA SER A 487 3.63 -20.69 18.68
C SER A 487 4.98 -21.00 18.04
N THR A 488 4.96 -21.21 16.73
CA THR A 488 6.20 -21.28 15.96
C THR A 488 6.96 -19.96 16.09
N SER A 489 8.23 -20.08 16.42
CA SER A 489 9.09 -18.91 16.54
C SER A 489 9.47 -18.41 15.15
N TRP A 490 9.36 -17.09 14.95
CA TRP A 490 9.58 -16.50 13.63
C TRP A 490 11.05 -16.12 13.51
N PRO A 491 11.84 -16.80 12.66
CA PRO A 491 13.27 -16.49 12.57
C PRO A 491 13.54 -15.25 11.73
N VAL A 492 14.74 -14.69 11.90
CA VAL A 492 15.14 -13.58 11.06
C VAL A 492 15.40 -14.09 9.65
N PHE A 493 15.14 -13.23 8.67
CA PHE A 493 15.42 -13.50 7.25
C PHE A 493 16.85 -13.06 6.94
N LYS A 494 17.70 -14.02 6.62
CA LYS A 494 19.08 -13.76 6.23
C LYS A 494 19.24 -14.09 4.76
N SER A 495 20.10 -13.33 4.07
CA SER A 495 20.24 -13.51 2.63
C SER A 495 20.88 -14.85 2.26
N THR A 496 21.58 -15.49 3.18
CA THR A 496 22.04 -16.84 2.89
C THR A 496 20.85 -17.82 2.89
N GLU A 497 20.22 -18.01 4.05
CA GLU A 497 19.25 -19.09 4.23
C GLU A 497 17.82 -18.68 3.89
N GLN A 498 17.49 -17.39 3.98
CA GLN A 498 16.22 -16.87 3.45
C GLN A 498 15.00 -17.60 4.03
N LYS A 499 14.99 -17.76 5.35
CA LYS A 499 13.87 -18.37 6.06
C LYS A 499 12.70 -17.40 6.14
N TYR A 500 11.48 -17.96 6.03
CA TYR A 500 10.23 -17.22 6.12
C TYR A 500 9.21 -18.06 6.86
N LEU A 501 8.15 -17.39 7.33
CA LEU A 501 7.08 -17.98 8.13
C LEU A 501 5.77 -18.01 7.34
N THR A 502 5.11 -19.17 7.29
CA THR A 502 3.83 -19.23 6.58
C THR A 502 2.70 -18.92 7.57
N LEU A 503 1.65 -18.27 7.06
CA LEU A 503 0.53 -17.84 7.89
C LEU A 503 -0.73 -18.49 7.34
N ASN A 504 -1.34 -19.36 8.14
CA ASN A 504 -2.50 -20.12 7.68
C ASN A 504 -3.26 -20.61 8.91
N THR A 505 -4.41 -21.26 8.68
CA THR A 505 -5.20 -21.65 9.85
C THR A 505 -4.75 -22.97 10.44
N GLU A 506 -4.16 -23.84 9.64
CA GLU A 506 -3.73 -25.15 10.12
C GLU A 506 -2.39 -25.05 10.88
N SER A 507 -1.26 -25.04 10.16
CA SER A 507 0.06 -25.10 10.76
C SER A 507 0.89 -23.95 10.27
N THR A 508 1.57 -23.30 11.20
CA THR A 508 2.51 -22.24 10.88
C THR A 508 3.90 -22.84 10.73
N ARG A 509 4.46 -22.80 9.52
CA ARG A 509 5.70 -23.49 9.19
C ARG A 509 6.82 -22.51 8.85
N ILE A 510 8.05 -22.97 9.09
CA ILE A 510 9.24 -22.30 8.61
C ILE A 510 9.70 -22.97 7.32
N MET A 511 9.78 -22.21 6.23
CA MET A 511 10.30 -22.67 4.95
CA MET A 511 10.30 -22.65 4.93
C MET A 511 11.45 -21.75 4.51
N THR A 512 12.06 -22.08 3.37
CA THR A 512 13.21 -21.33 2.90
C THR A 512 13.08 -21.07 1.41
N LYS A 513 13.60 -19.91 1.00
CA LYS A 513 13.81 -19.56 -0.41
C LYS A 513 12.50 -19.58 -1.19
N LEU A 514 11.56 -18.77 -0.72
CA LEU A 514 10.28 -18.61 -1.43
C LEU A 514 10.51 -18.27 -2.90
N ARG A 515 9.86 -19.03 -3.78
CA ARG A 515 9.83 -18.73 -5.22
C ARG A 515 11.24 -18.58 -5.80
N ALA A 516 12.18 -19.38 -5.30
CA ALA A 516 13.58 -19.25 -5.72
C ALA A 516 13.72 -19.27 -7.24
N GLN A 517 13.15 -20.28 -7.90
CA GLN A 517 13.32 -20.42 -9.36
C GLN A 517 12.70 -19.23 -10.09
N GLN A 518 11.47 -18.88 -9.76
CA GLN A 518 10.76 -17.80 -10.41
C GLN A 518 11.47 -16.46 -10.20
N CYS A 519 12.03 -16.23 -9.02
CA CYS A 519 12.63 -14.92 -8.74
C CYS A 519 14.04 -14.78 -9.30
N ARG A 520 14.79 -15.88 -9.43
CA ARG A 520 16.01 -15.81 -10.21
C ARG A 520 15.71 -15.33 -11.64
N PHE A 521 14.62 -15.84 -12.23
CA PHE A 521 14.22 -15.36 -13.54
C PHE A 521 13.87 -13.88 -13.51
N TRP A 522 13.05 -13.46 -12.55
CA TRP A 522 12.53 -12.09 -12.61
C TRP A 522 13.59 -11.07 -12.24
N THR A 523 14.44 -11.39 -11.26
CA THR A 523 15.40 -10.42 -10.74
C THR A 523 16.75 -10.45 -11.45
N SER A 524 17.13 -11.59 -12.01
CA SER A 524 18.44 -11.69 -12.63
C SER A 524 18.39 -11.70 -14.14
N PHE A 525 17.38 -12.34 -14.75
CA PHE A 525 17.32 -12.37 -16.20
C PHE A 525 16.39 -11.30 -16.79
N PHE A 526 15.14 -11.25 -16.35
CA PHE A 526 14.16 -10.39 -17.02
C PHE A 526 14.52 -8.90 -17.06
N PRO A 527 15.18 -8.29 -16.06
CA PRO A 527 15.50 -6.85 -16.20
C PRO A 527 16.41 -6.55 -17.37
N LYS A 528 17.04 -7.57 -17.97
CA LYS A 528 17.89 -7.38 -19.13
C LYS A 528 17.07 -7.13 -20.39
N VAL A 529 15.95 -7.85 -20.56
CA VAL A 529 15.22 -7.88 -21.83
C VAL A 529 14.73 -6.50 -22.32
C1 NAG B . -19.13 19.99 18.13
C2 NAG B . -20.04 21.11 17.58
C3 NAG B . -20.87 21.76 18.70
C4 NAG B . -21.60 20.70 19.53
C5 NAG B . -20.57 19.71 20.07
C6 NAG B . -21.17 18.61 20.92
C7 NAG B . -19.26 22.30 15.57
C8 NAG B . -18.36 23.38 15.04
N2 NAG B . -19.24 22.11 16.89
O3 NAG B . -21.83 22.64 18.12
O4 NAG B . -22.32 21.30 20.60
O5 NAG B . -19.92 19.08 18.95
O6 NAG B . -22.01 17.76 20.16
O7 NAG B . -19.98 21.63 14.83
C1 FUC B . -22.27 16.54 20.85
C2 FUC B . -23.79 16.48 20.97
C3 FUC B . -24.40 16.49 19.54
C4 FUC B . -23.80 15.34 18.66
C5 FUC B . -22.25 15.32 18.75
C6 FUC B . -21.60 14.06 18.14
O2 FUC B . -24.30 17.54 21.77
O3 FUC B . -25.82 16.35 19.59
O4 FUC B . -24.32 14.06 19.06
O5 FUC B . -21.77 15.44 20.13
C1 NAG C . -15.64 -16.88 -18.84
C2 NAG C . -15.59 -17.72 -20.13
C3 NAG C . -14.90 -16.95 -21.24
C4 NAG C . -15.49 -15.56 -21.42
C5 NAG C . -15.48 -14.84 -20.07
C6 NAG C . -16.11 -13.46 -20.11
C7 NAG C . -15.50 -20.04 -19.32
C8 NAG C . -14.64 -21.26 -19.17
N2 NAG C . -14.91 -18.99 -19.89
O3 NAG C . -15.01 -17.71 -22.45
O4 NAG C . -14.73 -14.83 -22.36
O5 NAG C . -16.22 -15.61 -19.11
O6 NAG C . -17.23 -13.42 -20.98
O7 NAG C . -16.65 -20.01 -18.93
C1 NAG C . -15.43 -14.72 -23.62
C2 NAG C . -14.73 -13.66 -24.45
C3 NAG C . -15.40 -13.50 -25.81
C4 NAG C . -15.53 -14.86 -26.51
C5 NAG C . -16.13 -15.92 -25.58
C6 NAG C . -16.04 -17.32 -26.16
C7 NAG C . -13.57 -11.85 -23.25
C8 NAG C . -12.32 -12.64 -23.46
N2 NAG C . -14.70 -12.38 -23.75
O3 NAG C . -14.63 -12.62 -26.61
O4 NAG C . -16.37 -14.72 -27.66
O5 NAG C . -15.42 -15.96 -24.33
O6 NAG C . -14.80 -17.94 -25.82
O7 NAG C . -13.57 -10.77 -22.66
C1 FUC C . -18.27 -12.64 -20.36
C2 FUC C . -19.55 -12.65 -21.30
C3 FUC C . -20.48 -13.91 -21.12
C4 FUC C . -20.68 -14.28 -19.64
C5 FUC C . -19.30 -14.36 -18.93
C6 FUC C . -19.35 -14.76 -17.44
O2 FUC C . -19.20 -12.45 -22.67
O3 FUC C . -21.78 -13.64 -21.65
O4 FUC C . -21.59 -13.34 -19.01
O5 FUC C . -18.56 -13.11 -19.03
C1 NAG D . 4.92 10.10 -25.04
C2 NAG D . 4.86 8.62 -25.42
C3 NAG D . 4.62 8.48 -26.93
C4 NAG D . 3.37 9.26 -27.35
C5 NAG D . 3.44 10.71 -26.84
C6 NAG D . 2.14 11.46 -27.06
C7 NAG D . 7.30 8.12 -25.46
C8 NAG D . 8.37 7.23 -24.89
N2 NAG D . 6.06 7.89 -25.01
O3 NAG D . 4.47 7.11 -27.25
O4 NAG D . 3.27 9.29 -28.78
O5 NAG D . 3.71 10.75 -25.42
O6 NAG D . 1.04 10.79 -26.46
O7 NAG D . 7.56 9.01 -26.27
C1 NAG D . 2.17 8.53 -29.33
C2 NAG D . 1.71 9.08 -30.71
C3 NAG D . 0.62 8.17 -31.31
C4 NAG D . 1.12 6.74 -31.39
C5 NAG D . 1.53 6.27 -30.00
C6 NAG D . 2.12 4.88 -29.99
C7 NAG D . 2.06 11.51 -30.73
C8 NAG D . 1.40 12.86 -30.62
N2 NAG D . 1.25 10.45 -30.62
O3 NAG D . 0.25 8.65 -32.60
O4 NAG D . 0.13 5.89 -31.96
O5 NAG D . 2.53 7.14 -29.45
O6 NAG D . 3.17 4.77 -29.03
O7 NAG D . 3.27 11.39 -30.90
C1 FUC D . -0.19 10.93 -27.19
C2 FUC D . -1.06 9.64 -26.98
C3 FUC D . -1.57 9.54 -25.50
C4 FUC D . -2.31 10.81 -25.09
C5 FUC D . -1.49 12.09 -25.44
C6 FUC D . -2.29 13.37 -25.29
O2 FUC D . -0.37 8.45 -27.37
O3 FUC D . -2.49 8.44 -25.34
O4 FUC D . -3.59 10.83 -25.70
O5 FUC D . -0.94 12.08 -26.81
C1 NAG E . 8.15 7.13 27.01
C2 NAG E . 8.58 8.03 28.18
C3 NAG E . 9.84 8.81 27.80
C4 NAG E . 10.96 7.84 27.43
C5 NAG E . 10.49 6.97 26.26
C6 NAG E . 11.51 5.92 25.83
C7 NAG E . 6.62 8.63 29.55
C8 NAG E . 6.81 7.32 30.27
N2 NAG E . 7.50 8.92 28.58
O3 NAG E . 10.25 9.67 28.85
O4 NAG E . 12.17 8.52 27.13
O5 NAG E . 9.28 6.27 26.59
O6 NAG E . 10.97 5.02 24.87
O7 NAG E . 5.72 9.40 29.85
C1 NAG F . 7.24 32.26 -17.37
C2 NAG F . 6.95 32.19 -15.86
C3 NAG F . 8.24 31.90 -15.07
C4 NAG F . 9.37 32.85 -15.45
C5 NAG F . 9.45 33.04 -16.97
C6 NAG F . 10.84 32.87 -17.52
C7 NAG F . 5.41 33.46 -14.42
C8 NAG F . 4.86 34.82 -14.08
N2 NAG F . 6.33 33.42 -15.39
O3 NAG F . 8.65 30.55 -15.25
O4 NAG F . 9.12 34.10 -14.83
O5 NAG F . 8.63 32.05 -17.60
O6 NAG F . 10.85 32.09 -18.72
O7 NAG F . 5.02 32.46 -13.84
C1 NAG G . -3.76 -17.90 23.62
C2 NAG G . -4.50 -16.79 22.86
C3 NAG G . -5.76 -16.36 23.63
C4 NAG G . -6.63 -17.55 23.99
C5 NAG G . -5.80 -18.57 24.78
C6 NAG G . -6.58 -19.83 25.11
C7 NAG G . -3.01 -15.36 21.47
C8 NAG G . -2.15 -14.14 21.48
N2 NAG G . -3.63 -15.66 22.63
O3 NAG G . -6.49 -15.44 22.81
O4 NAG G . -7.77 -17.16 24.77
O5 NAG G . -4.69 -18.97 23.98
O6 NAG G . -5.77 -20.79 25.79
O7 NAG G . -3.13 -16.07 20.46
O1 MES H . 8.63 -21.76 -5.15
C2 MES H . 7.41 -21.94 -5.87
C3 MES H . 6.30 -22.49 -4.99
N4 MES H . 6.29 -21.66 -3.79
C5 MES H . 7.55 -21.41 -3.08
C6 MES H . 8.62 -22.21 -3.79
C7 MES H . 5.05 -21.53 -3.00
C8 MES H . 4.04 -22.59 -3.48
S MES H . 2.49 -21.93 -3.61
O1S MES H . 2.07 -21.41 -2.29
O2S MES H . 2.46 -20.87 -4.66
O3S MES H . 1.53 -22.98 -4.01
S SO4 I . 18.80 -5.29 14.70
O1 SO4 I . 18.99 -4.18 15.63
O2 SO4 I . 18.03 -4.87 13.51
O3 SO4 I . 18.03 -6.32 15.41
O4 SO4 I . 20.11 -5.82 14.28
S SO4 J . 1.30 -22.18 15.53
O1 SO4 J . 1.51 -20.75 15.27
O2 SO4 J . 0.63 -22.36 16.83
O3 SO4 J . 0.50 -22.78 14.47
O4 SO4 J . 2.60 -22.85 15.58
S SO4 K . 3.35 -20.70 -30.18
O1 SO4 K . 3.26 -19.52 -31.04
O2 SO4 K . 2.09 -20.91 -29.47
O3 SO4 K . 3.60 -21.88 -31.01
O4 SO4 K . 4.46 -20.53 -29.23
C1 GOL L . -16.79 4.15 12.55
O1 GOL L . -17.08 4.80 13.75
C2 GOL L . -15.75 3.03 12.89
O2 GOL L . -16.19 2.18 13.90
C3 GOL L . -14.43 3.77 13.29
O3 GOL L . -13.77 2.98 14.28
C10 S8K M . -9.24 -6.32 -5.87
C13 S8K M . -9.07 -2.76 -6.72
C15 S8K M . -8.77 -0.52 -7.94
C20 S8K M . -4.11 -1.47 -7.14
C21 S8K M . -2.80 -2.06 -7.23
C24 S8K M . -2.77 0.24 -10.13
C26 S8K M . -5.05 1.18 -9.85
C01 S8K M . -4.41 -2.30 -3.20
C02 S8K M . -5.86 -2.80 -2.87
C03 S8K M . -6.90 -1.70 -3.09
C04 S8K M . -5.88 -3.30 -1.42
C06 S8K M . -6.40 -3.94 -5.07
C09 S8K M . -7.87 -6.07 -5.14
C11 S8K M . -9.92 -5.06 -6.38
C12 S8K M . -9.00 -4.22 -7.27
C16 S8K M . -7.76 0.40 -8.74
C18 S8K M . -5.27 0.38 -8.71
C19 S8K M . -4.23 -0.51 -8.27
C23 S8K M . -3.00 -0.58 -8.96
C25 S8K M . -3.80 1.11 -10.56
C30 S8K M . -0.45 -3.17 -10.31
C31 S8K M . -0.30 -4.58 -10.22
C32 S8K M . -0.31 -5.44 -11.36
C33 S8K M . -0.48 -4.89 -12.65
C34 S8K M . -0.63 -3.50 -12.79
C35 S8K M . -0.62 -2.67 -11.63
C36 S8K M . -7.49 -4.73 -7.24
N08 S8K M . -6.96 -5.06 -5.84
N14 S8K M . -8.08 -1.82 -7.46
N22 S8K M . -2.10 -1.53 -8.36
O05 S8K M . -6.12 -3.99 -3.70
O07 S8K M . -6.15 -2.89 -5.67
O17 S8K M . -6.50 0.47 -8.02
O28 S8K M . 0.12 -2.69 -7.61
O29 S8K M . 0.30 -0.85 -8.99
S27 S8K M . -0.43 -2.06 -8.77
C1 GOL N . 3.49 2.14 -15.34
O1 GOL N . 2.36 1.61 -14.63
C2 GOL N . 4.62 2.41 -14.31
O2 GOL N . 5.89 2.21 -14.85
C3 GOL N . 4.42 3.87 -13.87
O3 GOL N . 4.68 3.87 -12.50
C1 GOL O . 10.52 7.69 16.35
O1 GOL O . 10.59 8.86 15.59
C2 GOL O . 11.96 7.43 16.81
O2 GOL O . 12.23 6.06 16.82
C3 GOL O . 12.82 8.22 15.80
O3 GOL O . 13.68 7.31 15.14
S SO4 P . 0.22 -27.02 -23.99
O1 SO4 P . -0.46 -26.06 -24.86
O2 SO4 P . -0.48 -27.15 -22.69
O3 SO4 P . 1.60 -26.58 -23.76
O4 SO4 P . 0.25 -28.33 -24.65
NA NA Q . 17.15 -18.32 -15.36
#